data_9DUB
#
_entry.id   9DUB
#
_cell.length_a   46.880
_cell.length_b   62.653
_cell.length_c   88.323
_cell.angle_alpha   90.00
_cell.angle_beta   90.00
_cell.angle_gamma   90.00
#
_symmetry.space_group_name_H-M   'P 21 21 21'
#
loop_
_entity.id
_entity.type
_entity.pdbx_description
1 polymer 'Death-associated protein kinase 1'
2 non-polymer 4-(pyridin-4-yl)pyridazine
3 non-polymer 'CHLORIDE ION'
4 non-polymer 'SULFATE ION'
5 water water
#
_entity_poly.entity_id   1
_entity_poly.type   'polypeptide(L)'
_entity_poly.pdbx_seq_one_letter_code
;TVFRQENVDDYYDTGEELGSGQFAVVKKCREKSTGLQYAAKFIKKRRTKSSRRGVSREDIEREVSILKEIQHPNVITLHE
VYENKTDVILILELVAGGELFDFLAEKESLTEEEATEFLKQILNGVYYLHSLQIAHFDLKPENIMLLDRNVPKPRIKIID
FGLAHKIDFGNEFKNIFGTPEFVAPEIVNYEPLGLEADMWSIGVITYILLSGASPFLGDTKQETLANVSAVNYEFEDEYF
SNTSALAKDFIRRLLVKDPKKRMTIQDSLQHPWIKPKDTQQALSSAWSHPQFEK
;
_entity_poly.pdbx_strand_id   A
#
loop_
_chem_comp.id
_chem_comp.type
_chem_comp.name
_chem_comp.formula
A1BB7 non-polymer 4-(pyridin-4-yl)pyridazine 'C9 H7 N3'
CL non-polymer 'CHLORIDE ION' 'Cl -1'
SO4 non-polymer 'SULFATE ION' 'O4 S -2'
#
# COMPACT_ATOMS: atom_id res chain seq x y z
N THR A 1 13.58 -20.58 -3.24
CA THR A 1 14.20 -20.31 -1.91
C THR A 1 13.37 -20.97 -0.83
N VAL A 2 14.03 -21.54 0.18
CA VAL A 2 13.29 -22.21 1.23
C VAL A 2 13.40 -21.37 2.50
N PHE A 3 12.41 -21.52 3.39
CA PHE A 3 12.34 -20.74 4.60
C PHE A 3 12.42 -21.66 5.81
N ARG A 4 12.49 -21.10 7.02
CA ARG A 4 12.60 -21.88 8.24
C ARG A 4 11.37 -22.75 8.43
N GLN A 5 11.59 -24.06 8.59
CA GLN A 5 10.49 -25.01 8.68
C GLN A 5 10.23 -25.51 10.10
N GLU A 6 10.88 -24.94 11.11
CA GLU A 6 10.49 -25.28 12.46
C GLU A 6 9.11 -24.67 12.73
N ASN A 7 8.37 -25.24 13.69
CA ASN A 7 7.06 -24.73 14.04
C ASN A 7 7.22 -23.32 14.61
N VAL A 8 6.50 -22.36 14.05
CA VAL A 8 6.64 -20.98 14.49
C VAL A 8 6.24 -20.85 15.96
N ASP A 9 5.31 -21.72 16.42
CA ASP A 9 4.84 -21.68 17.80
C ASP A 9 5.94 -22.06 18.79
N ASP A 10 7.05 -22.64 18.32
CA ASP A 10 8.16 -22.96 19.20
C ASP A 10 8.96 -21.72 19.56
N TYR A 11 8.88 -20.68 18.72
CA TYR A 11 9.67 -19.46 18.88
C TYR A 11 8.83 -18.23 19.17
N TYR A 12 7.52 -18.29 18.89
CA TYR A 12 6.65 -17.14 19.09
C TYR A 12 5.33 -17.56 19.72
N ASP A 13 4.73 -16.61 20.46
CA ASP A 13 3.37 -16.76 20.97
C ASP A 13 2.52 -15.76 20.20
N THR A 14 1.34 -16.18 19.74
CA THR A 14 0.47 -15.27 18.98
C THR A 14 -0.64 -14.76 19.88
N GLY A 15 -1.20 -13.61 19.49
CA GLY A 15 -2.26 -12.94 20.22
C GLY A 15 -3.39 -12.48 19.30
N GLU A 16 -3.78 -11.21 19.44
CA GLU A 16 -4.92 -10.66 18.71
C GLU A 16 -4.66 -10.61 17.21
N GLU A 17 -5.74 -10.68 16.44
CA GLU A 17 -5.66 -10.57 15.00
C GLU A 17 -5.57 -9.08 14.67
N LEU A 18 -4.71 -8.76 13.69
N LEU A 18 -4.66 -8.73 13.76
CA LEU A 18 -4.45 -7.37 13.29
CA LEU A 18 -4.39 -7.35 13.39
C LEU A 18 -4.88 -7.15 11.84
C LEU A 18 -5.12 -6.97 12.11
N GLY A 19 -5.36 -8.21 11.17
N GLY A 19 -5.01 -7.84 11.09
CA GLY A 19 -5.78 -8.12 9.77
CA GLY A 19 -5.66 -7.55 9.82
C GLY A 19 -6.22 -9.46 9.20
C GLY A 19 -5.65 -8.77 8.91
N SER A 20 -7.08 -9.41 8.18
N SER A 20 -6.00 -8.55 7.63
CA SER A 20 -7.60 -10.60 7.54
CA SER A 20 -6.06 -9.66 6.69
C SER A 20 -7.98 -10.29 6.09
C SER A 20 -6.16 -9.16 5.26
N GLY A 21 -7.35 -11.01 5.16
N GLY A 21 -5.78 -10.05 4.34
CA GLY A 21 -7.61 -10.80 3.75
CA GLY A 21 -5.87 -9.81 2.91
C GLY A 21 -7.99 -12.09 3.03
C GLY A 21 -6.45 -11.06 2.25
N GLN A 22 -8.02 -12.04 1.71
N GLN A 22 -6.27 -11.19 0.94
CA GLN A 22 -8.41 -13.18 0.89
CA GLN A 22 -6.79 -12.40 0.31
C GLN A 22 -7.47 -14.36 1.14
C GLN A 22 -5.85 -13.55 0.63
N PHE A 23 -6.15 -14.13 1.08
N PHE A 23 -6.40 -14.59 1.26
CA PHE A 23 -5.24 -15.26 1.26
CA PHE A 23 -5.66 -15.78 1.62
C PHE A 23 -4.23 -15.04 2.38
C PHE A 23 -4.56 -15.47 2.63
N ALA A 24 -4.55 -14.17 3.35
N ALA A 24 -4.76 -14.43 3.45
CA ALA A 24 -3.64 -13.94 4.46
CA ALA A 24 -3.79 -14.05 4.46
C ALA A 24 -4.36 -13.42 5.71
C ALA A 24 -4.49 -13.59 5.73
N VAL A 25 -3.82 -13.79 6.86
CA VAL A 25 -4.30 -13.36 8.17
C VAL A 25 -3.06 -12.90 8.93
N VAL A 26 -3.21 -11.82 9.70
CA VAL A 26 -2.12 -11.24 10.46
C VAL A 26 -2.45 -11.29 11.94
N LYS A 27 -1.50 -11.82 12.73
CA LYS A 27 -1.67 -11.91 14.17
C LYS A 27 -0.50 -11.28 14.89
N LYS A 28 -0.82 -10.54 15.96
CA LYS A 28 0.23 -9.99 16.79
C LYS A 28 0.97 -11.18 17.39
N CYS A 29 2.29 -11.05 17.56
CA CYS A 29 3.05 -12.12 18.17
C CYS A 29 4.21 -11.56 18.98
N ARG A 30 4.81 -12.44 19.78
CA ARG A 30 5.92 -12.09 20.66
C ARG A 30 6.99 -13.17 20.54
N GLU A 31 8.23 -12.76 20.27
CA GLU A 31 9.35 -13.69 20.15
C GLU A 31 9.75 -14.11 21.56
N LYS A 32 9.75 -15.42 21.80
CA LYS A 32 10.05 -15.92 23.14
C LYS A 32 11.45 -15.55 23.62
N SER A 33 12.43 -15.52 22.71
CA SER A 33 13.82 -15.31 23.11
C SER A 33 14.14 -13.86 23.45
N THR A 34 13.35 -12.89 22.95
CA THR A 34 13.68 -11.48 23.17
C THR A 34 12.56 -10.69 23.85
N GLY A 35 11.34 -11.22 23.82
CA GLY A 35 10.16 -10.52 24.31
C GLY A 35 9.68 -9.43 23.35
N LEU A 36 10.33 -9.29 22.19
CA LEU A 36 9.94 -8.27 21.23
C LEU A 36 8.71 -8.71 20.45
N GLN A 37 7.89 -7.73 20.07
CA GLN A 37 6.62 -7.97 19.42
C GLN A 37 6.71 -7.67 17.93
N TYR A 38 5.94 -8.45 17.17
CA TYR A 38 5.89 -8.40 15.72
C TYR A 38 4.47 -8.69 15.25
N ALA A 39 4.30 -8.60 13.93
CA ALA A 39 3.06 -8.98 13.26
C ALA A 39 3.37 -10.19 12.39
N ALA A 40 2.70 -11.32 12.65
CA ALA A 40 2.90 -12.54 11.88
C ALA A 40 1.83 -12.61 10.79
N LYS A 41 2.27 -12.56 9.53
CA LYS A 41 1.37 -12.63 8.39
C LYS A 41 1.43 -14.05 7.81
N PHE A 42 0.31 -14.77 7.94
CA PHE A 42 0.20 -16.12 7.44
C PHE A 42 -0.39 -16.08 6.04
N ILE A 43 0.40 -16.46 5.03
CA ILE A 43 -0.03 -16.44 3.64
C ILE A 43 -0.31 -17.88 3.20
N LYS A 44 -1.54 -18.14 2.79
CA LYS A 44 -1.92 -19.48 2.36
C LYS A 44 -1.26 -19.83 1.02
N LYS A 45 -0.60 -20.99 0.99
CA LYS A 45 0.06 -21.50 -0.20
C LYS A 45 -0.93 -22.20 -1.14
N ARG A 46 -0.58 -22.26 -2.43
N ARG A 46 -0.60 -22.24 -2.44
CA ARG A 46 -1.38 -23.01 -3.39
CA ARG A 46 -1.45 -22.99 -3.35
C ARG A 46 -1.19 -24.50 -3.14
C ARG A 46 -1.21 -24.49 -3.15
N ARG A 47 -2.29 -25.26 -3.20
CA ARG A 47 -2.26 -26.69 -2.96
C ARG A 47 -1.99 -27.49 -4.24
N THR A 48 -2.19 -26.87 -5.41
CA THR A 48 -1.88 -27.52 -6.70
C THR A 48 -1.44 -26.42 -7.68
N LYS A 49 -0.68 -26.83 -8.69
CA LYS A 49 -0.09 -25.92 -9.66
C LYS A 49 -1.16 -25.17 -10.48
N SER A 50 -2.34 -25.79 -10.68
CA SER A 50 -3.38 -25.15 -11.47
C SER A 50 -4.47 -24.52 -10.61
N SER A 51 -4.31 -24.54 -9.28
CA SER A 51 -5.31 -24.00 -8.39
C SER A 51 -5.34 -22.47 -8.46
N ARG A 52 -6.50 -21.89 -8.15
CA ARG A 52 -6.69 -20.46 -8.18
C ARG A 52 -6.78 -19.94 -6.73
N ARG A 53 -6.81 -20.88 -5.77
CA ARG A 53 -6.84 -20.53 -4.36
C ARG A 53 -5.40 -20.52 -3.85
N GLY A 54 -5.13 -19.68 -2.86
CA GLY A 54 -3.78 -19.57 -2.33
C GLY A 54 -2.88 -18.71 -3.21
N VAL A 55 -1.66 -18.46 -2.73
CA VAL A 55 -0.70 -17.62 -3.44
C VAL A 55 0.41 -18.53 -4.00
N SER A 56 0.76 -18.31 -5.28
CA SER A 56 1.79 -19.10 -5.94
C SER A 56 3.12 -18.88 -5.23
N ARG A 57 4.00 -19.88 -5.31
CA ARG A 57 5.28 -19.75 -4.65
C ARG A 57 6.08 -18.61 -5.27
N GLU A 58 5.95 -18.41 -6.59
CA GLU A 58 6.65 -17.34 -7.27
C GLU A 58 6.24 -15.99 -6.66
N ASP A 59 4.94 -15.81 -6.43
CA ASP A 59 4.42 -14.56 -5.88
C ASP A 59 4.88 -14.37 -4.43
N ILE A 60 4.90 -15.45 -3.64
CA ILE A 60 5.36 -15.34 -2.27
C ILE A 60 6.84 -14.97 -2.25
N GLU A 61 7.65 -15.65 -3.07
CA GLU A 61 9.09 -15.40 -3.10
C GLU A 61 9.39 -13.96 -3.54
N ARG A 62 8.59 -13.43 -4.47
CA ARG A 62 8.80 -12.05 -4.91
C ARG A 62 8.59 -11.08 -3.75
N GLU A 63 7.48 -11.25 -3.01
CA GLU A 63 7.17 -10.39 -1.88
C GLU A 63 8.31 -10.45 -0.85
N VAL A 64 8.75 -11.67 -0.54
CA VAL A 64 9.83 -11.83 0.45
C VAL A 64 11.11 -11.16 -0.03
N SER A 65 11.44 -11.32 -1.32
N SER A 65 11.47 -11.34 -1.30
CA SER A 65 12.67 -10.78 -1.90
CA SER A 65 12.69 -10.75 -1.83
C SER A 65 12.69 -9.25 -1.81
C SER A 65 12.66 -9.24 -1.67
N ILE A 66 11.53 -8.64 -2.06
CA ILE A 66 11.39 -7.19 -1.97
C ILE A 66 11.47 -6.75 -0.51
N LEU A 67 10.74 -7.42 0.38
CA LEU A 67 10.76 -7.04 1.78
C LEU A 67 12.17 -7.13 2.37
N LYS A 68 12.95 -8.15 1.96
CA LYS A 68 14.29 -8.32 2.50
C LYS A 68 15.21 -7.16 2.14
N GLU A 69 14.91 -6.44 1.03
CA GLU A 69 15.75 -5.35 0.58
C GLU A 69 15.51 -4.04 1.32
N ILE A 70 14.32 -3.87 1.92
CA ILE A 70 13.97 -2.54 2.38
C ILE A 70 14.21 -2.29 3.87
N GLN A 71 14.73 -1.08 4.10
CA GLN A 71 14.95 -0.57 5.47
C GLN A 71 14.82 0.96 5.39
N HIS A 72 13.70 1.49 5.84
CA HIS A 72 13.41 2.91 5.78
C HIS A 72 12.35 3.21 6.82
N PRO A 73 12.37 4.40 7.48
CA PRO A 73 11.38 4.66 8.53
C PRO A 73 9.91 4.59 8.11
N ASN A 74 9.64 4.78 6.82
CA ASN A 74 8.26 4.82 6.33
C ASN A 74 7.84 3.55 5.61
N VAL A 75 8.58 2.46 5.77
CA VAL A 75 8.20 1.19 5.17
C VAL A 75 8.35 0.11 6.23
N ILE A 76 7.46 -0.88 6.18
CA ILE A 76 7.52 -1.99 7.11
C ILE A 76 8.78 -2.80 6.83
N THR A 77 9.31 -3.43 7.88
CA THR A 77 10.45 -4.27 7.63
C THR A 77 10.13 -5.70 8.00
N LEU A 78 10.95 -6.58 7.43
CA LEU A 78 10.79 -8.01 7.65
C LEU A 78 11.83 -8.50 8.65
N HIS A 79 11.36 -9.26 9.63
CA HIS A 79 12.21 -9.80 10.66
C HIS A 79 12.68 -11.23 10.35
N GLU A 80 11.75 -12.10 9.95
CA GLU A 80 12.09 -13.49 9.70
C GLU A 80 10.97 -14.12 8.86
N VAL A 81 11.28 -15.26 8.21
CA VAL A 81 10.28 -15.98 7.44
C VAL A 81 10.29 -17.45 7.81
N TYR A 82 9.09 -17.99 8.06
CA TYR A 82 8.90 -19.41 8.33
C TYR A 82 7.95 -19.98 7.28
N GLU A 83 7.92 -21.31 7.18
CA GLU A 83 6.94 -21.94 6.31
C GLU A 83 6.63 -23.35 6.78
N ASN A 84 5.45 -23.80 6.40
CA ASN A 84 5.04 -25.19 6.57
C ASN A 84 4.27 -25.56 5.31
N LYS A 85 3.63 -26.74 5.31
CA LYS A 85 2.93 -27.20 4.13
C LYS A 85 1.77 -26.29 3.70
N THR A 86 1.14 -25.57 4.64
N THR A 86 1.18 -25.60 4.67
CA THR A 86 -0.03 -24.79 4.26
CA THR A 86 -0.02 -24.80 4.46
C THR A 86 0.25 -23.29 4.12
C THR A 86 0.25 -23.34 4.16
N ASP A 87 1.22 -22.76 4.88
CA ASP A 87 1.47 -21.34 4.82
C ASP A 87 2.94 -20.94 4.78
N VAL A 88 3.16 -19.72 4.27
CA VAL A 88 4.42 -19.02 4.48
C VAL A 88 4.06 -17.99 5.53
N ILE A 89 4.91 -17.84 6.55
CA ILE A 89 4.66 -16.95 7.67
C ILE A 89 5.73 -15.87 7.73
N LEU A 90 5.32 -14.63 7.45
CA LEU A 90 6.23 -13.49 7.50
C LEU A 90 6.15 -12.89 8.89
N ILE A 91 7.29 -12.79 9.56
CA ILE A 91 7.35 -12.12 10.85
C ILE A 91 7.76 -10.69 10.51
N LEU A 92 6.80 -9.77 10.59
CA LEU A 92 7.00 -8.39 10.18
C LEU A 92 7.03 -7.43 11.38
N GLU A 93 7.58 -6.24 11.13
CA GLU A 93 7.55 -5.18 12.11
C GLU A 93 6.10 -4.92 12.52
N LEU A 94 5.86 -4.79 13.83
CA LEU A 94 4.53 -4.47 14.34
C LEU A 94 4.26 -2.98 14.22
N VAL A 95 3.16 -2.63 13.56
CA VAL A 95 2.74 -1.25 13.45
C VAL A 95 1.37 -1.23 14.13
N ALA A 96 1.34 -0.70 15.37
CA ALA A 96 0.18 -0.92 16.23
C ALA A 96 -0.85 0.22 16.30
N GLY A 97 -0.68 1.27 15.51
CA GLY A 97 -1.58 2.43 15.55
C GLY A 97 -2.78 2.35 14.60
N GLY A 98 -2.96 1.22 13.92
CA GLY A 98 -4.09 1.03 13.03
C GLY A 98 -3.85 1.63 11.65
N GLU A 99 -4.82 1.35 10.76
CA GLU A 99 -4.77 1.82 9.38
C GLU A 99 -5.11 3.30 9.27
N LEU A 100 -4.49 3.95 8.29
CA LEU A 100 -4.83 5.33 7.98
C LEU A 100 -6.30 5.37 7.60
N PHE A 101 -6.79 4.28 6.98
CA PHE A 101 -8.20 4.15 6.61
C PHE A 101 -9.12 4.37 7.81
N ASP A 102 -8.80 3.73 8.94
CA ASP A 102 -9.64 3.80 10.13
C ASP A 102 -9.50 5.16 10.81
N PHE A 103 -8.29 5.73 10.78
CA PHE A 103 -8.04 7.03 11.39
C PHE A 103 -8.84 8.11 10.66
N LEU A 104 -8.94 7.99 9.34
CA LEU A 104 -9.68 8.92 8.50
C LEU A 104 -11.17 8.80 8.77
N ALA A 105 -11.64 7.58 9.02
CA ALA A 105 -13.05 7.35 9.30
C ALA A 105 -13.44 8.01 10.62
N GLU A 106 -12.44 8.26 11.48
CA GLU A 106 -12.68 8.85 12.79
C GLU A 106 -12.36 10.35 12.81
N LYS A 107 -12.31 10.99 11.64
CA LYS A 107 -12.06 12.43 11.58
C LYS A 107 -12.80 13.07 10.40
N GLU A 108 -13.40 12.24 9.53
CA GLU A 108 -14.16 12.69 8.37
C GLU A 108 -13.21 13.19 7.28
N SER A 109 -12.51 14.31 7.52
CA SER A 109 -11.55 14.85 6.57
C SER A 109 -10.46 15.60 7.34
N LEU A 110 -9.31 15.81 6.69
CA LEU A 110 -8.17 16.45 7.33
C LEU A 110 -7.96 17.87 6.81
N THR A 111 -7.31 18.70 7.63
CA THR A 111 -6.87 20.02 7.21
C THR A 111 -5.73 19.79 6.22
N GLU A 112 -5.34 20.81 5.44
CA GLU A 112 -4.25 20.63 4.50
C GLU A 112 -2.94 20.32 5.21
N GLU A 113 -2.71 20.92 6.37
CA GLU A 113 -1.46 20.64 7.08
C GLU A 113 -1.47 19.20 7.60
N GLU A 114 -2.62 18.71 8.09
CA GLU A 114 -2.68 17.33 8.56
C GLU A 114 -2.47 16.37 7.40
N ALA A 115 -3.07 16.74 6.25
CA ALA A 115 -2.96 15.91 5.07
C ALA A 115 -1.50 15.89 4.59
N THR A 116 -0.83 17.04 4.56
CA THR A 116 0.55 17.07 4.09
C THR A 116 1.48 16.38 5.08
N GLU A 117 1.14 16.39 6.38
CA GLU A 117 1.95 15.71 7.40
C GLU A 117 2.02 14.23 7.05
N PHE A 118 0.88 13.65 6.67
CA PHE A 118 0.85 12.24 6.29
C PHE A 118 1.49 12.05 4.92
N LEU A 119 1.09 12.91 4.00
N LEU A 119 1.06 12.88 3.95
CA LEU A 119 1.51 12.76 2.62
CA LEU A 119 1.55 12.73 2.58
C LEU A 119 3.03 12.86 2.46
C LEU A 119 3.07 12.81 2.50
N LYS A 120 3.69 13.77 3.19
CA LYS A 120 5.14 13.90 3.10
C LYS A 120 5.83 12.60 3.48
N GLN A 121 5.29 11.89 4.48
CA GLN A 121 5.87 10.61 4.86
C GLN A 121 5.62 9.54 3.80
N ILE A 122 4.41 9.52 3.22
CA ILE A 122 4.11 8.58 2.15
C ILE A 122 5.05 8.82 0.98
N LEU A 123 5.22 10.09 0.61
CA LEU A 123 6.10 10.44 -0.50
C LEU A 123 7.54 10.03 -0.19
N ASN A 124 7.99 10.22 1.07
CA ASN A 124 9.35 9.83 1.43
C ASN A 124 9.51 8.30 1.28
N GLY A 125 8.52 7.53 1.71
CA GLY A 125 8.58 6.09 1.60
C GLY A 125 8.59 5.64 0.14
N VAL A 126 7.72 6.26 -0.67
CA VAL A 126 7.66 5.90 -2.08
C VAL A 126 8.92 6.36 -2.81
N TYR A 127 9.53 7.48 -2.40
CA TYR A 127 10.79 7.93 -2.98
C TYR A 127 11.86 6.85 -2.78
N TYR A 128 11.93 6.33 -1.55
CA TYR A 128 12.86 5.25 -1.25
C TYR A 128 12.58 4.04 -2.16
N LEU A 129 11.33 3.59 -2.24
CA LEU A 129 10.99 2.41 -3.03
C LEU A 129 11.33 2.64 -4.51
N HIS A 130 10.88 3.77 -5.06
CA HIS A 130 11.10 4.05 -6.46
C HIS A 130 12.59 4.18 -6.78
N SER A 131 13.36 4.71 -5.83
CA SER A 131 14.81 4.79 -5.98
C SER A 131 15.41 3.40 -6.17
N LEU A 132 14.77 2.40 -5.56
CA LEU A 132 15.17 1.01 -5.66
C LEU A 132 14.48 0.30 -6.85
N GLN A 133 13.78 1.08 -7.69
CA GLN A 133 12.99 0.55 -8.79
C GLN A 133 11.91 -0.43 -8.32
N ILE A 134 11.36 -0.20 -7.14
CA ILE A 134 10.26 -1.00 -6.63
C ILE A 134 8.95 -0.24 -6.80
N ALA A 135 8.02 -0.81 -7.57
CA ALA A 135 6.66 -0.34 -7.68
C ALA A 135 5.84 -1.10 -6.63
N HIS A 136 5.07 -0.36 -5.83
CA HIS A 136 4.26 -0.96 -4.78
C HIS A 136 3.00 -1.62 -5.37
N PHE A 137 2.30 -0.86 -6.23
CA PHE A 137 1.13 -1.30 -6.96
C PHE A 137 -0.11 -1.54 -6.09
N ASP A 138 -0.08 -1.22 -4.80
CA ASP A 138 -1.30 -1.41 -4.00
C ASP A 138 -1.39 -0.29 -2.95
N LEU A 139 -0.99 0.93 -3.31
CA LEU A 139 -1.08 2.04 -2.36
C LEU A 139 -2.55 2.48 -2.19
N LYS A 140 -2.97 2.56 -0.92
CA LYS A 140 -4.32 2.95 -0.55
C LYS A 140 -4.32 3.15 0.96
N PRO A 141 -5.31 3.87 1.54
CA PRO A 141 -5.30 4.12 2.99
C PRO A 141 -5.23 2.88 3.87
N GLU A 142 -5.79 1.75 3.42
CA GLU A 142 -5.75 0.53 4.20
C GLU A 142 -4.33 -0.02 4.32
N ASN A 143 -3.42 0.35 3.38
CA ASN A 143 -2.03 -0.12 3.37
C ASN A 143 -1.04 0.91 3.91
N ILE A 144 -1.56 1.86 4.68
N ILE A 144 -1.56 1.91 4.63
CA ILE A 144 -0.73 2.82 5.39
CA ILE A 144 -0.77 2.95 5.25
C ILE A 144 -1.08 2.58 6.86
C ILE A 144 -1.17 2.98 6.72
N MET A 145 -0.06 2.40 7.71
N MET A 145 -0.29 2.46 7.58
CA MET A 145 -0.29 2.05 9.11
CA MET A 145 -0.62 2.35 8.98
C MET A 145 0.39 3.10 9.98
C MET A 145 0.14 3.38 9.80
N LEU A 146 -0.29 3.53 11.06
CA LEU A 146 0.29 4.49 11.99
C LEU A 146 0.99 3.74 13.11
N LEU A 147 2.15 4.28 13.56
N LEU A 147 2.11 4.30 13.59
CA LEU A 147 2.86 3.73 14.70
CA LEU A 147 2.86 3.68 14.72
C LEU A 147 2.06 3.96 15.98
C LEU A 147 2.13 4.00 16.03
N ASP A 148 1.52 5.17 16.12
CA ASP A 148 0.76 5.58 17.31
C ASP A 148 -0.30 6.59 16.87
N ARG A 149 -1.59 6.25 17.02
CA ARG A 149 -2.65 7.11 16.52
C ARG A 149 -3.05 8.20 17.53
N ASN A 150 -2.42 8.21 18.71
CA ASN A 150 -2.81 9.17 19.75
C ASN A 150 -1.80 10.30 19.91
N VAL A 151 -1.14 10.71 18.82
CA VAL A 151 -0.21 11.82 18.86
C VAL A 151 -0.67 12.84 17.81
N PRO A 152 -0.35 14.15 17.96
CA PRO A 152 -0.79 15.17 17.01
C PRO A 152 -0.34 14.95 15.56
N LYS A 153 0.88 14.43 15.39
CA LYS A 153 1.46 14.20 14.07
C LYS A 153 1.90 12.74 13.94
N PRO A 154 0.97 11.80 13.66
CA PRO A 154 1.31 10.38 13.60
C PRO A 154 2.35 10.01 12.54
N ARG A 155 3.22 9.05 12.90
CA ARG A 155 4.21 8.51 11.99
C ARG A 155 3.60 7.33 11.24
N ILE A 156 3.94 7.20 9.95
CA ILE A 156 3.32 6.12 9.21
C ILE A 156 4.33 5.20 8.53
N LYS A 157 3.83 4.01 8.20
N LYS A 157 3.82 4.01 8.21
CA LYS A 157 4.59 3.00 7.47
CA LYS A 157 4.58 3.02 7.47
C LYS A 157 3.71 2.38 6.39
C LYS A 157 3.70 2.40 6.38
N ILE A 158 4.29 2.23 5.21
CA ILE A 158 3.66 1.57 4.09
C ILE A 158 3.78 0.07 4.33
N ILE A 159 2.66 -0.64 4.16
CA ILE A 159 2.65 -2.09 4.32
C ILE A 159 2.12 -2.76 3.05
N ASP A 160 2.06 -4.09 3.12
CA ASP A 160 1.44 -4.95 2.13
C ASP A 160 2.12 -4.88 0.77
N PHE A 161 3.25 -5.59 0.68
CA PHE A 161 4.04 -5.68 -0.53
C PHE A 161 3.64 -6.88 -1.41
N GLY A 162 2.41 -7.36 -1.27
CA GLY A 162 1.95 -8.52 -2.03
C GLY A 162 1.84 -8.31 -3.54
N LEU A 163 1.73 -7.06 -4.00
CA LEU A 163 1.67 -6.79 -5.44
C LEU A 163 2.93 -6.09 -5.93
N ALA A 164 3.89 -5.83 -5.04
CA ALA A 164 5.08 -5.07 -5.40
C ALA A 164 5.96 -5.84 -6.39
N HIS A 165 6.55 -5.08 -7.32
CA HIS A 165 7.43 -5.66 -8.32
C HIS A 165 8.62 -4.75 -8.59
N LYS A 166 9.76 -5.39 -8.91
N LYS A 166 9.77 -5.38 -8.90
CA LYS A 166 10.95 -4.71 -9.36
CA LYS A 166 10.96 -4.65 -9.32
C LYS A 166 10.74 -4.31 -10.81
C LYS A 166 10.76 -4.30 -10.79
N ILE A 167 11.02 -3.04 -11.14
CA ILE A 167 10.86 -2.54 -12.50
C ILE A 167 12.25 -2.27 -13.06
N ASP A 168 12.95 -3.32 -13.52
CA ASP A 168 14.32 -3.13 -14.01
C ASP A 168 14.37 -2.73 -15.49
N PHE A 169 13.25 -2.84 -16.21
CA PHE A 169 13.20 -2.45 -17.61
C PHE A 169 12.25 -1.26 -17.81
N GLY A 170 11.94 -0.52 -16.75
CA GLY A 170 11.08 0.64 -16.95
C GLY A 170 9.60 0.31 -16.86
N ASN A 171 9.22 -0.92 -17.27
CA ASN A 171 7.85 -1.36 -17.15
C ASN A 171 7.82 -2.87 -16.99
N GLU A 172 6.68 -3.37 -16.53
CA GLU A 172 6.50 -4.83 -16.44
C GLU A 172 5.14 -5.12 -17.08
N PHE A 173 4.98 -6.36 -17.52
CA PHE A 173 3.71 -6.72 -18.16
C PHE A 173 3.28 -8.08 -17.65
N LYS A 174 2.73 -8.05 -16.44
CA LYS A 174 2.29 -9.30 -15.78
C LYS A 174 0.84 -9.15 -15.28
N ASN A 175 0.36 -10.17 -14.57
CA ASN A 175 -0.97 -10.16 -13.97
C ASN A 175 -0.91 -9.33 -12.70
N ILE A 176 -1.15 -8.02 -12.84
CA ILE A 176 -1.12 -7.09 -11.72
C ILE A 176 -2.39 -6.24 -11.77
N PHE A 177 -3.14 -6.23 -10.67
CA PHE A 177 -4.37 -5.46 -10.60
C PHE A 177 -4.78 -5.30 -9.13
N GLY A 178 -4.83 -4.06 -8.65
CA GLY A 178 -5.20 -3.80 -7.26
C GLY A 178 -6.68 -3.47 -7.08
N THR A 179 -6.95 -2.60 -6.11
CA THR A 179 -8.29 -2.18 -5.73
C THR A 179 -8.81 -1.15 -6.73
N PRO A 180 -9.97 -1.37 -7.38
CA PRO A 180 -10.48 -0.46 -8.41
C PRO A 180 -10.40 1.04 -8.12
N GLU A 181 -10.77 1.46 -6.92
CA GLU A 181 -10.78 2.89 -6.60
C GLU A 181 -9.40 3.54 -6.67
N PHE A 182 -8.33 2.75 -6.59
CA PHE A 182 -6.98 3.30 -6.47
C PHE A 182 -6.06 2.97 -7.65
N VAL A 183 -6.51 2.13 -8.59
CA VAL A 183 -5.62 1.74 -9.68
C VAL A 183 -5.60 2.78 -10.79
N ALA A 184 -4.44 2.88 -11.42
CA ALA A 184 -4.24 3.81 -12.53
C ALA A 184 -4.92 3.30 -13.80
N PRO A 185 -5.17 4.19 -14.79
CA PRO A 185 -5.76 3.76 -16.05
C PRO A 185 -4.99 2.65 -16.76
N GLU A 186 -3.66 2.68 -16.69
CA GLU A 186 -2.87 1.65 -17.37
C GLU A 186 -3.14 0.27 -16.76
N ILE A 187 -3.49 0.21 -15.46
CA ILE A 187 -3.85 -1.06 -14.84
C ILE A 187 -5.22 -1.50 -15.39
N VAL A 188 -6.17 -0.56 -15.41
CA VAL A 188 -7.51 -0.87 -15.92
C VAL A 188 -7.45 -1.39 -17.35
N ASN A 189 -6.55 -0.81 -18.16
CA ASN A 189 -6.45 -1.14 -19.58
C ASN A 189 -5.43 -2.25 -19.89
N TYR A 190 -4.86 -2.88 -18.85
CA TYR A 190 -3.92 -4.00 -19.02
C TYR A 190 -2.74 -3.62 -19.89
N GLU A 191 -2.23 -2.40 -19.68
CA GLU A 191 -1.07 -1.90 -20.40
C GLU A 191 0.18 -2.15 -19.57
N PRO A 192 1.40 -2.02 -20.14
CA PRO A 192 2.61 -2.17 -19.35
C PRO A 192 2.59 -1.16 -18.21
N LEU A 193 3.11 -1.58 -17.05
CA LEU A 193 3.06 -0.82 -15.83
C LEU A 193 4.46 -0.46 -15.36
N GLY A 194 4.56 0.71 -14.74
CA GLY A 194 5.83 1.15 -14.19
C GLY A 194 5.62 1.85 -12.85
N LEU A 195 6.60 2.67 -12.46
CA LEU A 195 6.54 3.39 -11.19
C LEU A 195 5.43 4.44 -11.21
N GLU A 196 5.01 4.86 -12.40
CA GLU A 196 4.00 5.91 -12.54
C GLU A 196 2.66 5.52 -11.93
N ALA A 197 2.32 4.23 -11.93
CA ALA A 197 1.03 3.80 -11.42
C ALA A 197 0.88 4.21 -9.95
N ASP A 198 1.95 4.08 -9.18
CA ASP A 198 1.93 4.48 -7.78
C ASP A 198 1.63 5.97 -7.61
N MET A 199 2.12 6.80 -8.53
CA MET A 199 1.92 8.24 -8.42
C MET A 199 0.44 8.58 -8.61
N TRP A 200 -0.24 7.87 -9.52
CA TRP A 200 -1.68 8.02 -9.66
C TRP A 200 -2.36 7.67 -8.33
N SER A 201 -1.99 6.52 -7.73
CA SER A 201 -2.59 6.11 -6.48
C SER A 201 -2.43 7.19 -5.40
N ILE A 202 -1.25 7.82 -5.34
CA ILE A 202 -1.01 8.90 -4.41
C ILE A 202 -1.99 10.06 -4.65
N GLY A 203 -2.28 10.35 -5.92
CA GLY A 203 -3.25 11.39 -6.25
C GLY A 203 -4.63 11.06 -5.68
N VAL A 204 -5.02 9.79 -5.76
CA VAL A 204 -6.31 9.35 -5.24
C VAL A 204 -6.31 9.50 -3.72
N ILE A 205 -5.27 9.01 -3.06
CA ILE A 205 -5.14 9.13 -1.62
C ILE A 205 -5.23 10.59 -1.18
N THR A 206 -4.54 11.48 -1.89
CA THR A 206 -4.53 12.90 -1.54
C THR A 206 -5.95 13.48 -1.62
N TYR A 207 -6.66 13.15 -2.70
CA TYR A 207 -8.03 13.62 -2.85
C TYR A 207 -8.87 13.19 -1.64
N ILE A 208 -8.76 11.91 -1.26
CA ILE A 208 -9.50 11.37 -0.13
C ILE A 208 -9.10 12.07 1.18
N LEU A 209 -7.80 12.28 1.40
CA LEU A 209 -7.32 12.91 2.63
C LEU A 209 -7.97 14.27 2.81
N LEU A 210 -8.11 15.03 1.72
CA LEU A 210 -8.61 16.40 1.81
C LEU A 210 -10.14 16.51 1.85
N SER A 211 -10.86 15.52 1.34
CA SER A 211 -12.31 15.62 1.18
C SER A 211 -13.13 14.56 1.92
N GLY A 212 -12.54 13.39 2.18
CA GLY A 212 -13.28 12.29 2.75
C GLY A 212 -14.10 11.55 1.69
N ALA A 213 -13.88 11.91 0.41
CA ALA A 213 -14.61 11.32 -0.69
C ALA A 213 -13.65 10.68 -1.70
N SER A 214 -14.11 9.60 -2.36
CA SER A 214 -13.34 8.84 -3.32
C SER A 214 -13.61 9.38 -4.73
N PRO A 215 -12.57 9.84 -5.48
CA PRO A 215 -12.81 10.55 -6.74
C PRO A 215 -13.44 9.81 -7.92
N PHE A 216 -13.23 8.49 -8.01
CA PHE A 216 -13.71 7.71 -9.15
C PHE A 216 -14.75 6.65 -8.75
N LEU A 217 -15.10 6.56 -7.47
CA LEU A 217 -15.97 5.49 -7.00
C LEU A 217 -17.35 5.49 -7.65
N GLY A 218 -17.70 4.35 -8.25
CA GLY A 218 -19.01 4.11 -8.80
C GLY A 218 -19.80 3.15 -7.90
N ASP A 219 -20.99 2.76 -8.34
CA ASP A 219 -21.82 1.84 -7.56
C ASP A 219 -21.37 0.40 -7.70
N THR A 220 -20.57 0.11 -8.72
CA THR A 220 -20.03 -1.23 -8.95
C THR A 220 -18.55 -1.10 -9.29
N LYS A 221 -17.80 -2.19 -9.16
CA LYS A 221 -16.38 -2.15 -9.49
C LYS A 221 -16.17 -1.79 -10.96
N GLN A 222 -17.01 -2.33 -11.85
N GLN A 222 -17.02 -2.33 -11.86
CA GLN A 222 -16.85 -2.07 -13.27
CA GLN A 222 -16.85 -2.05 -13.28
C GLN A 222 -17.07 -0.58 -13.57
C GLN A 222 -17.02 -0.55 -13.53
N GLU A 223 -18.00 0.07 -12.88
CA GLU A 223 -18.24 1.49 -13.05
C GLU A 223 -17.03 2.29 -12.55
N THR A 224 -16.49 1.88 -11.39
CA THR A 224 -15.30 2.56 -10.88
C THR A 224 -14.16 2.49 -11.91
N LEU A 225 -13.93 1.29 -12.45
CA LEU A 225 -12.86 1.08 -13.41
C LEU A 225 -13.09 1.93 -14.67
N ALA A 226 -14.35 2.03 -15.11
CA ALA A 226 -14.65 2.82 -16.28
C ALA A 226 -14.36 4.29 -16.01
N ASN A 227 -14.69 4.76 -14.80
CA ASN A 227 -14.45 6.15 -14.40
C ASN A 227 -12.95 6.45 -14.39
N VAL A 228 -12.16 5.51 -13.84
CA VAL A 228 -10.72 5.67 -13.79
C VAL A 228 -10.16 5.82 -15.22
N SER A 229 -10.58 4.94 -16.13
CA SER A 229 -10.03 4.94 -17.47
C SER A 229 -10.36 6.25 -18.21
N ALA A 230 -11.53 6.82 -17.92
CA ALA A 230 -11.96 8.06 -18.56
C ALA A 230 -11.48 9.30 -17.82
N VAL A 231 -10.80 9.12 -16.68
CA VAL A 231 -10.37 10.21 -15.80
C VAL A 231 -11.60 11.04 -15.45
N ASN A 232 -12.65 10.34 -15.05
CA ASN A 232 -13.92 10.93 -14.70
C ASN A 232 -13.95 11.31 -13.23
N TYR A 233 -13.33 12.46 -12.89
CA TYR A 233 -13.40 12.96 -11.53
C TYR A 233 -13.43 14.49 -11.59
N GLU A 234 -13.93 15.10 -10.51
CA GLU A 234 -13.96 16.56 -10.39
C GLU A 234 -13.86 16.94 -8.91
N PHE A 235 -13.47 18.19 -8.66
CA PHE A 235 -13.38 18.72 -7.30
C PHE A 235 -14.73 19.32 -6.88
N GLU A 236 -15.54 18.55 -6.14
CA GLU A 236 -16.84 19.05 -5.70
C GLU A 236 -16.66 20.23 -4.76
N ASP A 237 -17.34 21.34 -5.07
CA ASP A 237 -17.25 22.55 -4.27
C ASP A 237 -17.62 22.27 -2.81
N GLU A 238 -18.59 21.38 -2.59
CA GLU A 238 -19.04 21.13 -1.23
C GLU A 238 -17.88 20.63 -0.37
N TYR A 239 -16.95 19.92 -1.00
CA TYR A 239 -15.83 19.34 -0.27
C TYR A 239 -14.56 20.16 -0.40
N PHE A 240 -14.38 20.89 -1.50
CA PHE A 240 -13.11 21.55 -1.78
C PHE A 240 -13.18 23.07 -1.81
N SER A 241 -14.33 23.67 -1.45
CA SER A 241 -14.51 25.12 -1.55
C SER A 241 -13.43 25.91 -0.82
N ASN A 242 -12.94 25.39 0.31
CA ASN A 242 -11.91 26.11 1.06
C ASN A 242 -10.57 25.38 1.04
N THR A 243 -10.37 24.51 0.04
CA THR A 243 -9.10 23.83 -0.18
C THR A 243 -8.29 24.68 -1.14
N SER A 244 -6.97 24.82 -0.90
CA SER A 244 -6.15 25.72 -1.69
C SER A 244 -6.05 25.26 -3.14
N ALA A 245 -5.86 26.24 -4.03
CA ALA A 245 -5.68 25.94 -5.44
C ALA A 245 -4.42 25.10 -5.66
N LEU A 246 -3.40 25.30 -4.81
CA LEU A 246 -2.14 24.57 -4.98
C LEU A 246 -2.31 23.10 -4.62
N ALA A 247 -3.17 22.78 -3.63
CA ALA A 247 -3.48 21.39 -3.29
C ALA A 247 -4.17 20.73 -4.49
N LYS A 248 -5.12 21.44 -5.10
CA LYS A 248 -5.81 20.93 -6.26
C LYS A 248 -4.83 20.73 -7.43
N ASP A 249 -3.86 21.64 -7.59
CA ASP A 249 -2.86 21.54 -8.65
C ASP A 249 -2.07 20.25 -8.46
N PHE A 250 -1.64 19.98 -7.23
CA PHE A 250 -0.89 18.77 -6.93
C PHE A 250 -1.66 17.53 -7.39
N ILE A 251 -2.93 17.44 -7.02
CA ILE A 251 -3.75 16.29 -7.38
C ILE A 251 -3.90 16.19 -8.89
N ARG A 252 -4.15 17.35 -9.52
N ARG A 252 -4.16 17.35 -9.53
CA ARG A 252 -4.43 17.37 -10.95
CA ARG A 252 -4.43 17.38 -10.97
C ARG A 252 -3.24 16.81 -11.73
C ARG A 252 -3.23 16.91 -11.79
N ARG A 253 -2.01 17.08 -11.24
CA ARG A 253 -0.79 16.66 -11.93
C ARG A 253 -0.45 15.19 -11.70
N LEU A 254 -1.20 14.52 -10.81
CA LEU A 254 -1.03 13.10 -10.55
C LEU A 254 -2.11 12.29 -11.27
N LEU A 255 -3.34 12.84 -11.33
CA LEU A 255 -4.46 12.14 -11.94
C LEU A 255 -4.51 12.44 -13.44
N VAL A 256 -3.44 12.03 -14.12
CA VAL A 256 -3.18 12.23 -15.55
C VAL A 256 -3.16 10.83 -16.18
N LYS A 257 -3.94 10.66 -17.26
N LYS A 257 -3.93 10.64 -17.27
CA LYS A 257 -4.08 9.36 -17.93
CA LYS A 257 -4.03 9.32 -17.85
C LYS A 257 -2.75 8.85 -18.47
C LYS A 257 -2.71 8.84 -18.45
N ASP A 258 -2.03 9.70 -19.21
CA ASP A 258 -0.78 9.34 -19.84
C ASP A 258 0.30 9.25 -18.76
N PRO A 259 0.84 8.05 -18.47
CA PRO A 259 1.81 7.91 -17.39
C PRO A 259 3.06 8.76 -17.60
N LYS A 260 3.42 9.03 -18.86
CA LYS A 260 4.62 9.80 -19.16
C LYS A 260 4.44 11.28 -18.81
N LYS A 261 3.19 11.74 -18.68
CA LYS A 261 2.93 13.15 -18.38
C LYS A 261 2.59 13.38 -16.91
N ARG A 262 2.52 12.30 -16.14
CA ARG A 262 2.19 12.34 -14.74
C ARG A 262 3.44 12.77 -13.93
N MET A 263 3.23 13.44 -12.80
CA MET A 263 4.36 13.80 -11.96
C MET A 263 5.06 12.53 -11.44
N THR A 264 6.39 12.58 -11.42
CA THR A 264 7.19 11.52 -10.83
C THR A 264 7.30 11.78 -9.32
N ILE A 265 7.84 10.79 -8.59
CA ILE A 265 8.00 10.99 -7.16
C ILE A 265 8.92 12.19 -6.88
N GLN A 266 10.01 12.34 -7.64
CA GLN A 266 10.89 13.49 -7.43
C GLN A 266 10.14 14.80 -7.71
N ASP A 267 9.34 14.83 -8.78
CA ASP A 267 8.54 16.00 -9.10
C ASP A 267 7.61 16.36 -7.93
N SER A 268 6.98 15.33 -7.32
N SER A 268 6.96 15.34 -7.35
CA SER A 268 6.00 15.55 -6.27
CA SER A 268 6.00 15.55 -6.28
C SER A 268 6.65 16.19 -5.04
C SER A 268 6.64 16.19 -5.04
N LEU A 269 7.90 15.82 -4.75
CA LEU A 269 8.61 16.35 -3.59
C LEU A 269 9.05 17.79 -3.81
N GLN A 270 9.16 18.22 -5.08
CA GLN A 270 9.57 19.59 -5.39
C GLN A 270 8.36 20.48 -5.71
N HIS A 271 7.16 19.90 -5.74
CA HIS A 271 5.94 20.66 -6.04
C HIS A 271 5.75 21.72 -4.96
N PRO A 272 5.36 22.96 -5.31
CA PRO A 272 5.22 24.02 -4.31
C PRO A 272 4.30 23.74 -3.10
N TRP A 273 3.34 22.83 -3.24
CA TRP A 273 2.46 22.49 -2.14
C TRP A 273 3.21 21.66 -1.08
N ILE A 274 4.25 20.93 -1.52
CA ILE A 274 5.02 20.03 -0.67
C ILE A 274 6.37 20.62 -0.27
N LYS A 275 7.07 21.24 -1.23
CA LYS A 275 8.44 21.70 -1.02
C LYS A 275 8.47 22.71 0.12
N PRO A 276 9.39 22.55 1.10
CA PRO A 276 9.53 23.49 2.21
C PRO A 276 10.16 24.81 1.77
C9 A1BB7 B . -0.22 -6.27 7.47
N3 A1BB7 B . -0.93 -6.69 6.41
N2 A1BB7 B . -2.32 -6.65 6.44
C8 A1BB7 B . -2.98 -6.20 7.52
C7 A1BB7 B . -2.27 -5.76 8.63
C6 A1BB7 B . -0.88 -5.78 8.61
C4 A1BB7 B . -0.09 -5.32 9.78
C5 A1BB7 B . -0.66 -4.91 10.99
C1 A1BB7 B . 0.14 -4.47 12.04
C3 A1BB7 B . 1.30 -5.23 9.70
C2 A1BB7 B . 2.06 -4.78 10.78
N1 A1BB7 B . 1.48 -4.41 11.93
CL CL C . 2.43 -6.35 5.22
S SO4 D . 9.49 -10.72 -11.76
O1 SO4 D . 10.22 -10.24 -12.90
O2 SO4 D . 9.33 -9.66 -10.81
O3 SO4 D . 8.19 -11.18 -12.19
O4 SO4 D . 10.20 -11.82 -11.17
S SO4 E . -3.56 -19.52 10.42
O1 SO4 E . -3.67 -18.77 9.21
O2 SO4 E . -4.87 -19.95 10.84
O3 SO4 E . -2.72 -20.68 10.20
O4 SO4 E . -2.98 -18.70 11.45
S SO4 F . -10.89 17.79 -13.88
O1 SO4 F . -10.40 18.68 -14.91
O2 SO4 F . -12.23 18.17 -13.51
O3 SO4 F . -10.89 16.44 -14.38
O4 SO4 F . -10.03 17.88 -12.72
S SO4 G . -11.55 23.26 -10.29
O1 SO4 G . -12.28 24.30 -10.98
O2 SO4 G . -12.29 22.85 -9.13
O3 SO4 G . -11.37 22.15 -11.19
O4 SO4 G . -10.26 23.77 -9.89
S SO4 H . 16.45 -17.93 17.54
O1 SO4 H . 16.70 -17.55 16.18
O2 SO4 H . 16.25 -16.75 18.35
O3 SO4 H . 15.29 -18.76 17.60
O4 SO4 H . 17.58 -18.65 18.06
S SO4 I . -9.32 -24.38 -7.52
O1 SO4 I . -10.73 -24.66 -7.41
O2 SO4 I . -8.64 -24.89 -6.36
O3 SO4 I . -8.80 -25.03 -8.70
O4 SO4 I . -9.12 -22.96 -7.62
#